data_4K86
#
_entry.id   4K86
#
_cell.length_a   119.853
_cell.length_b   119.853
_cell.length_c   95.719
_cell.angle_alpha   90.000
_cell.angle_beta   90.000
_cell.angle_gamma   120.000
#
_symmetry.space_group_name_H-M   'P 31 2 1'
#
loop_
_entity.id
_entity.type
_entity.pdbx_description
1 polymer 'Proline--tRNA ligase'
2 non-polymer 'ZINC ION'
3 water water
#
_entity_poly.entity_id   1
_entity_poly.type   'polypeptide(L)'
_entity_poly.pdbx_seq_one_letter_code
;MGSSHHHHHHSSGLVPRGSHMASGAGEGQGPKKQTRLGLEAKKEENLADWYSQVITKSEMIEYHDISGCYILRPWAYAIW
EAIKDFFDAEIKKLGVENCYFPMFVSQSALEKEKTHVADFAPEVAWVTRSGKTELAEPIAIRPTSETVMYPAYAKWVQSH
RDLPIKLNQWCNVVRWEFKHPQPFLRTREFLWQEGHSAFATMEEAAEEVLQILDLYAQVYEELLAIPVVKGRKTEKEKFA
GGDYTTTIEAFISASGRAIQGGTSHHLGQNFSKMFEIVFEDPKIPGEKQFAYQNSWGLTTRTIGVMTMVHGDNMGLVLPP
RVACVQVVIIPCGITNALSEEDKEALIAKCNDYRRRLLSVNIRVRADLRDNYSPGWKFNHWELKGVPIRLEVGPRDMKSC
QFVAVRRDTGEKLTVAENEAETKLQAILEDIQVTLFTRASEDLKTHMVVANTMEDFQKILDSGKIVQIPFCGEIDCEDWI
KKTTARDQDLEPGAPSMGAKSLCIPFKPLCELQPGAKCVCGKNPAKYYTLFGRSY
;
_entity_poly.pdbx_strand_id   A
#
loop_
_chem_comp.id
_chem_comp.type
_chem_comp.name
_chem_comp.formula
ZN non-polymer 'ZINC ION' 'Zn 2'
#
# COMPACT_ATOMS: atom_id res chain seq x y z
N LEU A 39 -23.03 10.10 0.47
CA LEU A 39 -22.78 10.60 -0.88
C LEU A 39 -23.94 10.29 -1.81
N GLU A 40 -23.63 10.08 -3.08
CA GLU A 40 -24.65 9.82 -4.09
C GLU A 40 -24.56 8.40 -4.65
N ALA A 41 -23.88 7.52 -3.90
CA ALA A 41 -23.72 6.13 -4.33
C ALA A 41 -23.45 5.23 -3.14
N LYS A 42 -24.23 4.16 -3.02
CA LYS A 42 -23.99 3.19 -1.96
C LYS A 42 -22.83 2.28 -2.36
N LYS A 43 -22.01 1.92 -1.38
CA LYS A 43 -20.85 1.07 -1.60
C LYS A 43 -21.28 -0.33 -2.03
N GLU A 44 -22.43 -0.76 -1.52
CA GLU A 44 -22.92 -2.11 -1.71
C GLU A 44 -23.90 -2.24 -2.88
N GLU A 45 -23.98 -1.19 -3.70
CA GLU A 45 -24.79 -1.22 -4.91
C GLU A 45 -23.91 -0.98 -6.13
N ASN A 46 -23.22 0.16 -6.14
CA ASN A 46 -22.24 0.45 -7.19
C ASN A 46 -20.90 0.85 -6.58
N LEU A 47 -20.03 -0.14 -6.38
CA LEU A 47 -18.71 0.09 -5.81
C LEU A 47 -17.90 1.09 -6.63
N ALA A 48 -17.89 0.91 -7.94
CA ALA A 48 -17.12 1.78 -8.83
C ALA A 48 -17.52 3.25 -8.73
N ASP A 49 -18.83 3.53 -8.69
CA ASP A 49 -19.32 4.90 -8.53
C ASP A 49 -18.97 5.41 -7.15
N TRP A 50 -19.31 4.60 -6.15
CA TRP A 50 -19.00 4.90 -4.75
C TRP A 50 -17.54 5.28 -4.57
N TYR A 51 -16.66 4.48 -5.15
CA TYR A 51 -15.23 4.69 -5.00
C TYR A 51 -14.80 5.99 -5.67
N SER A 52 -15.37 6.25 -6.84
CA SER A 52 -15.00 7.41 -7.63
C SER A 52 -15.41 8.70 -6.92
N GLN A 53 -16.61 8.71 -6.35
CA GLN A 53 -17.11 9.87 -5.61
C GLN A 53 -16.41 10.04 -4.28
N VAL A 54 -16.10 8.94 -3.61
CA VAL A 54 -15.39 8.99 -2.34
C VAL A 54 -14.02 9.67 -2.45
N ILE A 55 -13.24 9.29 -3.45
CA ILE A 55 -11.88 9.82 -3.61
C ILE A 55 -11.85 11.23 -4.17
N THR A 56 -12.94 11.63 -4.84
CA THR A 56 -13.05 12.99 -5.38
C THR A 56 -13.60 13.96 -4.33
N LYS A 57 -14.70 13.57 -3.69
CA LYS A 57 -15.35 14.40 -2.69
C LYS A 57 -14.51 14.57 -1.42
N SER A 58 -13.63 13.61 -1.14
CA SER A 58 -12.74 13.72 0.01
C SER A 58 -11.47 14.52 -0.36
N GLU A 59 -11.46 15.05 -1.58
CA GLU A 59 -10.34 15.87 -2.06
C GLU A 59 -9.01 15.13 -2.01
N MET A 60 -9.04 13.84 -2.31
CA MET A 60 -7.83 13.02 -2.35
C MET A 60 -7.15 13.08 -3.70
N ILE A 61 -7.93 12.88 -4.77
CA ILE A 61 -7.40 12.92 -6.13
C ILE A 61 -8.24 13.80 -7.06
N GLU A 62 -7.61 14.27 -8.13
CA GLU A 62 -8.29 15.03 -9.18
C GLU A 62 -7.89 14.43 -10.51
N TYR A 63 -8.87 14.12 -11.35
CA TYR A 63 -8.58 13.56 -12.67
C TYR A 63 -7.78 14.55 -13.49
N HIS A 64 -6.71 14.07 -14.13
CA HIS A 64 -5.84 14.95 -14.90
C HIS A 64 -6.09 14.82 -16.39
N ASP A 65 -5.46 15.70 -17.18
CA ASP A 65 -5.58 15.65 -18.63
C ASP A 65 -4.59 14.66 -19.22
N ILE A 66 -4.55 13.49 -18.60
CA ILE A 66 -3.93 12.29 -19.13
C ILE A 66 -4.92 11.18 -18.77
N SER A 67 -4.49 9.92 -18.84
CA SER A 67 -5.35 8.82 -18.40
C SER A 67 -4.52 7.84 -17.57
N GLY A 68 -5.10 7.32 -16.48
CA GLY A 68 -4.34 6.52 -15.54
C GLY A 68 -3.32 7.39 -14.84
N CYS A 69 -3.50 8.70 -14.96
CA CYS A 69 -2.61 9.69 -14.36
C CYS A 69 -3.47 10.75 -13.69
N TYR A 70 -3.19 10.98 -12.40
CA TYR A 70 -4.06 11.80 -11.56
C TYR A 70 -3.24 12.75 -10.70
N ILE A 71 -3.93 13.71 -10.09
CA ILE A 71 -3.31 14.65 -9.16
C ILE A 71 -3.44 14.13 -7.75
N LEU A 72 -2.32 13.98 -7.04
CA LEU A 72 -2.38 13.58 -5.64
C LEU A 72 -2.52 14.78 -4.73
N ARG A 73 -3.75 15.05 -4.31
CA ARG A 73 -4.03 16.21 -3.46
C ARG A 73 -3.51 15.94 -2.04
N PRO A 74 -3.26 17.01 -1.27
CA PRO A 74 -2.62 16.90 0.05
C PRO A 74 -3.29 15.94 1.02
N TRP A 75 -4.60 15.71 0.91
CA TRP A 75 -5.27 14.77 1.80
C TRP A 75 -4.69 13.38 1.57
N ALA A 76 -4.76 12.92 0.32
CA ALA A 76 -4.16 11.66 -0.07
C ALA A 76 -2.64 11.65 0.14
N TYR A 77 -1.97 12.73 -0.27
CA TYR A 77 -0.51 12.76 -0.22
C TYR A 77 -0.01 12.61 1.21
N ALA A 78 -0.77 13.16 2.15
CA ALA A 78 -0.42 13.10 3.57
C ALA A 78 -0.32 11.66 4.05
N ILE A 79 -1.30 10.83 3.68
CA ILE A 79 -1.30 9.43 4.03
C ILE A 79 -0.02 8.74 3.54
N TRP A 80 0.35 9.04 2.30
CA TRP A 80 1.56 8.47 1.72
C TRP A 80 2.77 8.92 2.54
N GLU A 81 2.75 10.18 2.96
CA GLU A 81 3.86 10.75 3.71
C GLU A 81 3.96 10.11 5.10
N ALA A 82 2.80 9.71 5.65
CA ALA A 82 2.78 9.03 6.93
C ALA A 82 3.44 7.66 6.79
N ILE A 83 2.97 6.91 5.79
CA ILE A 83 3.59 5.65 5.44
C ILE A 83 5.07 5.87 5.15
N LYS A 84 5.38 6.91 4.38
CA LYS A 84 6.77 7.19 4.04
C LYS A 84 7.61 7.41 5.29
N ASP A 85 7.06 8.09 6.28
CA ASP A 85 7.82 8.40 7.49
C ASP A 85 8.14 7.16 8.31
N PHE A 86 7.15 6.29 8.46
CA PHE A 86 7.32 5.06 9.21
C PHE A 86 8.34 4.10 8.60
N PHE A 87 8.10 3.77 7.33
CA PHE A 87 8.93 2.80 6.60
C PHE A 87 10.36 3.31 6.44
N ASP A 88 10.49 4.60 6.14
CA ASP A 88 11.80 5.22 6.01
C ASP A 88 12.61 5.04 7.28
N ALA A 89 11.96 5.16 8.43
CA ALA A 89 12.65 5.01 9.71
C ALA A 89 13.11 3.56 9.92
N GLU A 90 12.20 2.63 9.65
CA GLU A 90 12.47 1.21 9.88
C GLU A 90 13.64 0.67 9.06
N ILE A 91 13.64 0.96 7.76
CA ILE A 91 14.68 0.44 6.88
C ILE A 91 16.05 1.05 7.17
N LYS A 92 16.06 2.21 7.81
CA LYS A 92 17.32 2.83 8.19
C LYS A 92 17.94 2.12 9.39
N LYS A 93 17.09 1.57 10.26
CA LYS A 93 17.58 0.69 11.32
C LYS A 93 18.23 -0.56 10.73
N LEU A 94 17.87 -0.88 9.50
CA LEU A 94 18.41 -2.06 8.81
C LEU A 94 19.70 -1.75 8.05
N GLY A 95 20.01 -0.46 7.91
CA GLY A 95 21.23 -0.07 7.21
C GLY A 95 21.01 0.33 5.77
N VAL A 96 19.75 0.46 5.37
CA VAL A 96 19.42 0.96 4.03
C VAL A 96 19.44 2.48 4.01
N GLU A 97 20.08 3.05 2.99
CA GLU A 97 20.17 4.50 2.85
C GLU A 97 19.45 4.99 1.61
N ASN A 98 18.93 6.21 1.65
CA ASN A 98 18.25 6.79 0.50
C ASN A 98 19.21 7.46 -0.48
N CYS A 99 18.82 7.51 -1.74
CA CYS A 99 19.64 8.13 -2.78
C CYS A 99 18.76 8.61 -3.92
N TYR A 100 19.38 9.14 -4.97
CA TYR A 100 18.63 9.48 -6.17
C TYR A 100 19.32 8.99 -7.45
N PHE A 101 18.55 8.27 -8.26
CA PHE A 101 19.02 7.84 -9.58
C PHE A 101 18.21 8.52 -10.68
N PRO A 102 18.91 9.09 -11.67
CA PRO A 102 18.27 9.65 -12.87
C PRO A 102 17.56 8.53 -13.63
N MET A 103 16.23 8.53 -13.63
CA MET A 103 15.49 7.45 -14.27
C MET A 103 15.31 7.64 -15.78
N PHE A 104 16.40 8.00 -16.45
CA PHE A 104 16.46 7.98 -17.91
C PHE A 104 17.82 7.49 -18.38
N VAL A 105 17.93 7.24 -19.68
CA VAL A 105 19.15 6.65 -20.23
C VAL A 105 19.25 6.90 -21.73
N SER A 106 20.49 6.93 -22.23
CA SER A 106 20.75 7.11 -23.65
C SER A 106 20.78 5.79 -24.41
N GLN A 107 20.25 5.76 -25.64
CA GLN A 107 20.36 4.59 -26.51
C GLN A 107 21.83 4.24 -26.67
N SER A 108 22.65 5.27 -26.70
CA SER A 108 24.11 5.16 -26.77
C SER A 108 24.72 4.21 -25.73
N ALA A 109 23.94 3.85 -24.71
CA ALA A 109 24.40 2.92 -23.68
C ALA A 109 23.81 1.53 -23.89
N LEU A 110 22.68 1.46 -24.59
CA LEU A 110 21.98 0.20 -24.81
C LEU A 110 22.52 -0.57 -26.01
N GLU A 111 22.82 0.15 -27.08
CA GLU A 111 23.38 -0.47 -28.28
C GLU A 111 24.80 -0.96 -28.02
N LYS A 112 25.53 -0.22 -27.21
CA LYS A 112 26.93 -0.53 -26.91
C LYS A 112 27.08 -1.51 -25.75
N GLU A 113 25.96 -1.90 -25.16
CA GLU A 113 25.94 -2.83 -24.02
C GLU A 113 26.80 -2.39 -22.84
N LYS A 114 26.62 -1.14 -22.41
CA LYS A 114 27.18 -0.67 -21.14
C LYS A 114 26.31 -1.23 -20.03
N THR A 115 24.99 -1.12 -20.25
CA THR A 115 24.01 -1.86 -19.49
C THR A 115 23.24 -2.76 -20.45
N HIS A 116 22.19 -3.41 -19.94
CA HIS A 116 21.38 -4.29 -20.76
C HIS A 116 19.92 -4.05 -20.44
N VAL A 117 19.03 -4.35 -21.37
CA VAL A 117 17.61 -4.40 -21.04
C VAL A 117 17.19 -5.86 -21.00
N ALA A 118 16.53 -6.26 -19.92
CA ALA A 118 16.01 -7.62 -19.79
C ALA A 118 14.93 -7.85 -20.84
N ASP A 119 14.46 -9.08 -20.99
CA ASP A 119 13.52 -9.39 -22.06
C ASP A 119 12.06 -9.28 -21.64
N PHE A 120 11.79 -9.62 -20.39
CA PHE A 120 10.44 -9.60 -19.83
C PHE A 120 9.93 -8.20 -19.51
N ALA A 121 10.66 -7.17 -19.94
CA ALA A 121 10.39 -5.80 -19.48
C ALA A 121 9.99 -4.80 -20.56
N PRO A 122 8.69 -4.73 -20.90
CA PRO A 122 8.17 -3.59 -21.65
C PRO A 122 7.81 -2.52 -20.62
N GLU A 123 7.59 -1.27 -21.02
CA GLU A 123 7.79 -0.78 -22.38
C GLU A 123 8.71 0.43 -22.28
N VAL A 124 9.71 0.50 -23.16
CA VAL A 124 10.66 1.60 -23.07
C VAL A 124 10.29 2.78 -23.98
N ALA A 125 9.60 3.76 -23.41
CA ALA A 125 9.23 4.95 -24.15
C ALA A 125 10.42 5.90 -24.30
N TRP A 126 10.66 6.38 -25.53
CA TRP A 126 11.81 7.23 -25.80
C TRP A 126 11.43 8.69 -25.98
N VAL A 127 12.37 9.58 -25.65
CA VAL A 127 12.23 10.99 -25.96
C VAL A 127 13.01 11.26 -27.23
N THR A 128 12.40 11.93 -28.18
CA THR A 128 13.01 12.13 -29.49
C THR A 128 13.13 13.61 -29.92
N ARG A 129 12.26 14.46 -29.38
CA ARG A 129 12.14 15.83 -29.89
C ARG A 129 12.18 16.93 -28.83
N SER A 130 13.31 17.64 -28.73
CA SER A 130 13.39 18.83 -27.88
C SER A 130 12.66 19.98 -28.56
N GLY A 131 11.35 19.87 -28.65
CA GLY A 131 10.53 20.83 -29.40
C GLY A 131 10.11 20.23 -30.72
N LYS A 132 10.62 20.81 -31.80
CA LYS A 132 10.43 20.24 -33.14
C LYS A 132 11.80 20.12 -33.81
N THR A 133 12.78 19.71 -33.00
CA THR A 133 14.17 19.64 -33.43
C THR A 133 14.81 18.36 -32.89
N GLU A 134 14.56 17.23 -33.55
CA GLU A 134 15.04 15.91 -33.12
C GLU A 134 16.46 15.87 -32.56
N LEU A 135 16.66 15.05 -31.52
CA LEU A 135 17.88 15.10 -30.72
C LEU A 135 19.04 14.25 -31.25
N ALA A 136 20.26 14.73 -31.00
CA ALA A 136 21.46 13.95 -31.29
C ALA A 136 21.40 12.65 -30.50
N GLU A 137 21.21 12.79 -29.20
CA GLU A 137 21.00 11.65 -28.33
C GLU A 137 19.54 11.60 -27.87
N PRO A 138 18.72 10.75 -28.52
CA PRO A 138 17.38 10.53 -27.95
C PRO A 138 17.56 9.74 -26.66
N ILE A 139 16.66 9.88 -25.70
CA ILE A 139 16.84 9.24 -24.40
C ILE A 139 15.63 8.46 -23.88
N ALA A 140 15.91 7.29 -23.31
CA ALA A 140 14.86 6.36 -22.88
C ALA A 140 14.32 6.68 -21.50
N ILE A 141 13.00 6.59 -21.35
CA ILE A 141 12.34 6.87 -20.08
C ILE A 141 12.06 5.54 -19.37
N ARG A 142 11.93 5.60 -18.05
CA ARG A 142 12.13 4.44 -17.20
C ARG A 142 13.59 3.98 -17.51
N PRO A 143 13.84 2.84 -18.19
CA PRO A 143 13.20 1.61 -18.67
C PRO A 143 12.92 0.70 -17.48
N THR A 144 13.97 0.30 -16.79
CA THR A 144 13.88 -0.46 -15.56
C THR A 144 14.90 0.11 -14.58
N SER A 145 14.60 0.00 -13.28
CA SER A 145 15.54 0.43 -12.25
C SER A 145 16.87 -0.29 -12.42
N GLU A 146 16.77 -1.57 -12.75
CA GLU A 146 17.91 -2.46 -12.92
C GLU A 146 18.88 -2.00 -14.01
N THR A 147 18.33 -1.47 -15.11
CA THR A 147 19.12 -0.98 -16.24
C THR A 147 19.98 0.21 -15.83
N VAL A 148 19.46 1.00 -14.90
CA VAL A 148 20.09 2.26 -14.49
C VAL A 148 21.07 2.08 -13.34
N MET A 149 20.70 1.22 -12.39
CA MET A 149 21.41 1.11 -11.12
C MET A 149 22.56 0.12 -11.13
N TYR A 150 22.27 -1.12 -11.54
CA TYR A 150 23.21 -2.23 -11.43
C TYR A 150 24.59 -2.04 -12.09
N PRO A 151 24.65 -1.33 -13.24
CA PRO A 151 25.97 -0.98 -13.75
C PRO A 151 26.81 -0.22 -12.73
N ALA A 152 26.17 0.68 -11.99
CA ALA A 152 26.86 1.47 -10.97
C ALA A 152 27.23 0.63 -9.75
N TYR A 153 26.38 -0.34 -9.45
CA TYR A 153 26.65 -1.30 -8.37
C TYR A 153 27.93 -2.05 -8.71
N ALA A 154 28.02 -2.49 -9.96
CA ALA A 154 29.20 -3.16 -10.49
C ALA A 154 30.47 -2.32 -10.27
N LYS A 155 30.38 -1.04 -10.61
CA LYS A 155 31.49 -0.11 -10.40
C LYS A 155 31.85 0.01 -8.93
N TRP A 156 30.83 0.11 -8.08
CA TRP A 156 31.02 0.31 -6.64
C TRP A 156 31.60 -0.92 -5.93
N VAL A 157 31.38 -2.10 -6.50
CA VAL A 157 31.90 -3.33 -5.90
C VAL A 157 33.24 -3.74 -6.48
N GLN A 158 34.29 -3.52 -5.71
CA GLN A 158 35.64 -3.92 -6.10
C GLN A 158 36.11 -5.06 -5.21
N SER A 159 35.96 -4.87 -3.89
CA SER A 159 36.30 -5.89 -2.90
C SER A 159 35.07 -6.36 -2.12
N HIS A 160 35.30 -7.26 -1.17
CA HIS A 160 34.23 -7.74 -0.29
C HIS A 160 33.92 -6.69 0.77
N ARG A 161 34.87 -5.76 0.97
CA ARG A 161 34.71 -4.68 1.91
C ARG A 161 33.56 -3.77 1.48
N ASP A 162 33.38 -3.63 0.17
CA ASP A 162 32.35 -2.77 -0.39
C ASP A 162 30.95 -3.40 -0.35
N LEU A 163 30.76 -4.40 0.51
CA LEU A 163 29.45 -5.01 0.70
C LEU A 163 29.04 -5.03 2.17
N PRO A 164 27.72 -4.93 2.45
CA PRO A 164 26.62 -4.90 1.47
C PRO A 164 26.45 -3.57 0.76
N ILE A 165 25.50 -3.52 -0.16
CA ILE A 165 25.04 -2.27 -0.76
C ILE A 165 23.52 -2.24 -0.64
N LYS A 166 23.03 -1.32 0.19
CA LYS A 166 21.60 -1.22 0.43
C LYS A 166 21.09 0.20 0.16
N LEU A 167 20.37 0.34 -0.94
CA LEU A 167 19.90 1.64 -1.39
C LEU A 167 18.39 1.65 -1.64
N ASN A 168 17.72 2.68 -1.14
CA ASN A 168 16.30 2.87 -1.39
C ASN A 168 16.13 4.18 -2.12
N GLN A 169 15.06 4.28 -2.90
CA GLN A 169 14.65 5.60 -3.38
C GLN A 169 13.14 5.73 -3.46
N TRP A 170 12.67 6.94 -3.13
CA TRP A 170 11.28 7.29 -3.29
C TRP A 170 11.17 8.06 -4.60
N CYS A 171 10.38 7.54 -5.54
CA CYS A 171 10.25 8.16 -6.86
C CYS A 171 8.86 7.99 -7.47
N ASN A 172 8.78 8.17 -8.78
CA ASN A 172 7.55 7.93 -9.52
C ASN A 172 7.83 7.07 -10.76
N VAL A 173 6.87 6.22 -11.12
CA VAL A 173 7.05 5.27 -12.21
C VAL A 173 5.81 5.20 -13.10
N VAL A 174 6.01 5.22 -14.42
CA VAL A 174 4.89 5.18 -15.36
C VAL A 174 4.88 3.92 -16.22
N ARG A 175 3.70 3.32 -16.36
CA ARG A 175 3.49 2.20 -17.29
C ARG A 175 2.99 2.76 -18.60
N TRP A 176 2.52 1.89 -19.49
CA TRP A 176 1.93 2.36 -20.74
C TRP A 176 0.80 1.49 -21.28
N GLU A 177 0.38 0.51 -20.49
CA GLU A 177 -0.79 -0.28 -20.86
C GLU A 177 -1.90 -0.17 -19.80
N PHE A 178 -3.13 0.00 -20.25
CA PHE A 178 -4.28 -0.04 -19.33
C PHE A 178 -5.47 -0.84 -19.83
N LYS A 179 -6.48 -0.97 -18.98
CA LYS A 179 -7.80 -1.46 -19.37
C LYS A 179 -8.84 -0.40 -19.06
N HIS A 180 -8.96 -0.07 -17.77
CA HIS A 180 -9.81 1.04 -17.31
C HIS A 180 -9.33 1.56 -15.96
N PRO A 181 -8.13 2.15 -15.95
CA PRO A 181 -7.32 2.41 -14.74
C PRO A 181 -8.07 3.10 -13.60
N GLN A 182 -8.39 2.34 -12.56
CA GLN A 182 -8.86 2.91 -11.31
C GLN A 182 -7.69 3.59 -10.64
N PRO A 183 -7.91 4.81 -10.13
CA PRO A 183 -6.88 5.48 -9.34
C PRO A 183 -6.47 4.59 -8.17
N PHE A 184 -5.17 4.52 -7.89
CA PHE A 184 -4.59 3.68 -6.83
C PHE A 184 -4.49 2.18 -7.14
N LEU A 185 -5.62 1.55 -7.45
CA LEU A 185 -5.65 0.08 -7.62
C LEU A 185 -4.86 -0.44 -8.84
N ARG A 186 -5.34 -0.16 -10.05
CA ARG A 186 -4.54 -0.37 -11.25
C ARG A 186 -4.32 0.98 -11.92
N THR A 187 -3.12 1.55 -11.76
CA THR A 187 -2.86 2.90 -12.27
C THR A 187 -1.64 2.95 -13.18
N ARG A 188 -1.71 3.77 -14.24
CA ARG A 188 -0.59 3.96 -15.16
C ARG A 188 0.56 4.71 -14.50
N GLU A 189 0.22 5.79 -13.81
CA GLU A 189 1.20 6.56 -13.05
C GLU A 189 1.02 6.27 -11.56
N PHE A 190 2.13 6.16 -10.84
CA PHE A 190 2.06 6.08 -9.38
C PHE A 190 3.31 6.58 -8.66
N LEU A 191 3.21 6.70 -7.35
CA LEU A 191 4.37 6.97 -6.52
C LEU A 191 4.67 5.70 -5.75
N TRP A 192 5.94 5.47 -5.47
CA TRP A 192 6.36 4.29 -4.72
C TRP A 192 7.78 4.44 -4.21
N GLN A 193 8.22 3.45 -3.45
CA GLN A 193 9.63 3.29 -3.15
C GLN A 193 10.05 1.93 -3.68
N GLU A 194 11.31 1.84 -4.12
CA GLU A 194 11.90 0.52 -4.35
C GLU A 194 13.33 0.44 -3.83
N GLY A 195 13.62 -0.66 -3.11
CA GLY A 195 14.93 -0.88 -2.55
C GLY A 195 15.70 -1.91 -3.36
N HIS A 196 17.00 -1.67 -3.51
CA HIS A 196 17.90 -2.61 -4.19
C HIS A 196 19.13 -2.91 -3.36
N SER A 197 19.28 -4.17 -2.95
CA SER A 197 20.36 -4.57 -2.05
C SER A 197 21.29 -5.61 -2.65
N ALA A 198 22.56 -5.50 -2.31
CA ALA A 198 23.57 -6.43 -2.81
C ALA A 198 24.35 -7.03 -1.65
N PHE A 199 24.53 -8.35 -1.67
CA PHE A 199 25.20 -9.03 -0.56
C PHE A 199 26.28 -10.00 -1.02
N ALA A 200 27.17 -10.35 -0.08
CA ALA A 200 28.25 -11.30 -0.35
C ALA A 200 27.76 -12.74 -0.17
N THR A 201 26.86 -12.93 0.78
CA THR A 201 26.30 -14.26 1.05
C THR A 201 24.83 -14.32 0.63
N MET A 202 24.26 -15.53 0.64
CA MET A 202 22.85 -15.70 0.38
C MET A 202 22.05 -15.54 1.67
N GLU A 203 22.65 -15.96 2.79
CA GLU A 203 21.99 -15.87 4.09
C GLU A 203 21.60 -14.43 4.42
N GLU A 204 22.51 -13.49 4.13
CA GLU A 204 22.25 -12.07 4.32
C GLU A 204 21.08 -11.60 3.47
N ALA A 205 21.13 -11.91 2.17
CA ALA A 205 20.07 -11.52 1.25
C ALA A 205 18.71 -12.09 1.67
N ALA A 206 18.69 -13.37 2.04
CA ALA A 206 17.47 -14.04 2.45
C ALA A 206 16.89 -13.35 3.68
N GLU A 207 17.77 -12.84 4.53
CA GLU A 207 17.38 -12.20 5.78
C GLU A 207 16.57 -10.93 5.50
N GLU A 208 17.14 -10.06 4.68
CA GLU A 208 16.47 -8.81 4.32
C GLU A 208 15.09 -9.03 3.68
N VAL A 209 14.96 -10.05 2.84
CA VAL A 209 13.70 -10.30 2.13
C VAL A 209 12.53 -10.43 3.10
N LEU A 210 12.69 -11.25 4.13
CA LEU A 210 11.64 -11.46 5.12
C LEU A 210 11.45 -10.25 6.04
N GLN A 211 12.56 -9.59 6.37
CA GLN A 211 12.53 -8.37 7.18
C GLN A 211 11.67 -7.30 6.49
N ILE A 212 12.05 -6.99 5.26
CA ILE A 212 11.35 -5.98 4.47
C ILE A 212 9.88 -6.34 4.27
N LEU A 213 9.61 -7.60 3.98
CA LEU A 213 8.23 -8.05 3.79
C LEU A 213 7.41 -7.81 5.06
N ASP A 214 8.05 -7.99 6.22
CA ASP A 214 7.36 -7.77 7.48
C ASP A 214 7.00 -6.30 7.68
N LEU A 215 7.94 -5.41 7.35
CA LEU A 215 7.68 -3.98 7.45
C LEU A 215 6.44 -3.64 6.63
N TYR A 216 6.36 -4.21 5.42
CA TYR A 216 5.19 -4.00 4.57
C TYR A 216 3.94 -4.50 5.28
N ALA A 217 4.06 -5.65 5.96
CA ALA A 217 2.94 -6.21 6.68
C ALA A 217 2.51 -5.28 7.81
N GLN A 218 3.50 -4.62 8.42
CA GLN A 218 3.23 -3.62 9.45
C GLN A 218 2.49 -2.41 8.87
N VAL A 219 3.00 -1.87 7.77
CA VAL A 219 2.40 -0.74 7.09
C VAL A 219 0.90 -0.98 6.84
N TYR A 220 0.57 -2.18 6.40
CA TYR A 220 -0.84 -2.53 6.22
C TYR A 220 -1.55 -2.77 7.54
N GLU A 221 -0.98 -3.59 8.40
CA GLU A 221 -1.67 -3.98 9.62
C GLU A 221 -1.62 -2.96 10.76
N GLU A 222 -0.50 -2.26 10.88
CA GLU A 222 -0.35 -1.25 11.92
C GLU A 222 -0.83 0.14 11.51
N LEU A 223 -0.26 0.70 10.44
CA LEU A 223 -0.64 2.04 9.98
C LEU A 223 -2.05 2.06 9.40
N LEU A 224 -2.38 1.07 8.57
CA LEU A 224 -3.62 1.14 7.81
C LEU A 224 -4.73 0.28 8.42
N ALA A 225 -4.39 -0.45 9.48
CA ALA A 225 -5.32 -1.38 10.11
C ALA A 225 -5.95 -2.32 9.09
N ILE A 226 -5.13 -2.82 8.17
CA ILE A 226 -5.58 -3.75 7.15
C ILE A 226 -4.81 -5.07 7.31
N PRO A 227 -5.55 -6.15 7.59
CA PRO A 227 -4.95 -7.48 7.79
C PRO A 227 -4.45 -8.04 6.46
N VAL A 228 -3.28 -8.66 6.46
CA VAL A 228 -2.72 -9.24 5.24
C VAL A 228 -2.27 -10.69 5.42
N VAL A 229 -2.16 -11.40 4.30
CA VAL A 229 -1.68 -12.77 4.27
C VAL A 229 -0.28 -12.83 3.68
N LYS A 230 0.70 -13.16 4.51
CA LYS A 230 2.07 -13.26 4.05
C LYS A 230 2.27 -14.59 3.32
N GLY A 231 3.03 -14.58 2.23
CA GLY A 231 3.24 -15.79 1.45
C GLY A 231 4.21 -15.66 0.29
N ARG A 232 4.59 -16.80 -0.27
CA ARG A 232 5.47 -16.85 -1.44
C ARG A 232 4.63 -16.95 -2.71
N LYS A 233 5.10 -16.33 -3.79
CA LYS A 233 4.40 -16.41 -5.07
C LYS A 233 4.75 -17.68 -5.85
N THR A 234 3.75 -18.20 -6.58
CA THR A 234 3.92 -19.39 -7.39
C THR A 234 4.93 -19.14 -8.50
N GLU A 235 5.34 -20.20 -9.17
CA GLU A 235 6.29 -20.08 -10.29
C GLU A 235 5.79 -19.17 -11.40
N LYS A 236 4.49 -19.20 -11.66
CA LYS A 236 3.90 -18.36 -12.70
C LYS A 236 3.91 -16.88 -12.35
N GLU A 237 3.42 -16.55 -11.15
CA GLU A 237 3.21 -15.16 -10.76
C GLU A 237 4.45 -14.46 -10.20
N LYS A 238 5.49 -15.23 -9.86
CA LYS A 238 6.73 -14.66 -9.32
C LYS A 238 7.41 -13.70 -10.30
N PHE A 239 8.45 -13.02 -9.82
CA PHE A 239 9.19 -12.08 -10.65
C PHE A 239 10.17 -12.82 -11.55
N ALA A 240 10.03 -12.63 -12.85
CA ALA A 240 10.83 -13.33 -13.86
C ALA A 240 12.33 -13.23 -13.61
N GLY A 241 12.78 -12.06 -13.15
CA GLY A 241 14.20 -11.81 -12.97
C GLY A 241 14.79 -12.39 -11.69
N GLY A 242 13.97 -13.00 -10.85
CA GLY A 242 14.47 -13.47 -9.56
C GLY A 242 14.23 -14.94 -9.29
N ASP A 243 14.88 -15.46 -8.24
CA ASP A 243 14.70 -16.86 -7.84
C ASP A 243 13.33 -17.05 -7.18
N TYR A 244 13.03 -16.19 -6.21
CA TYR A 244 11.72 -16.20 -5.56
C TYR A 244 11.20 -14.81 -5.18
N THR A 245 9.87 -14.73 -5.07
CA THR A 245 9.17 -13.49 -4.76
C THR A 245 8.25 -13.69 -3.56
N THR A 246 8.47 -12.91 -2.50
CA THR A 246 7.56 -12.92 -1.35
C THR A 246 6.54 -11.80 -1.50
N THR A 247 5.39 -11.96 -0.86
CA THR A 247 4.30 -11.00 -1.05
C THR A 247 3.36 -10.90 0.16
N ILE A 248 2.72 -9.75 0.29
CA ILE A 248 1.61 -9.61 1.21
C ILE A 248 0.34 -9.46 0.41
N GLU A 249 -0.71 -10.17 0.80
CA GLU A 249 -1.95 -10.10 0.04
C GLU A 249 -3.05 -9.58 0.96
N ALA A 250 -3.72 -8.53 0.53
CA ALA A 250 -4.85 -7.97 1.28
C ALA A 250 -6.16 -8.33 0.58
N PHE A 251 -7.23 -8.50 1.35
CA PHE A 251 -8.53 -8.86 0.78
C PHE A 251 -9.60 -7.75 0.83
N ILE A 252 -10.31 -7.52 -0.28
CA ILE A 252 -11.36 -6.50 -0.32
C ILE A 252 -12.78 -7.08 -0.43
N SER A 253 -13.50 -7.12 0.70
CA SER A 253 -14.81 -7.78 0.75
C SER A 253 -15.91 -7.07 -0.03
N ALA A 254 -15.61 -5.91 -0.57
CA ALA A 254 -16.58 -5.19 -1.39
C ALA A 254 -16.68 -5.86 -2.76
N SER A 255 -15.56 -5.88 -3.47
CA SER A 255 -15.51 -6.52 -4.79
C SER A 255 -15.46 -8.03 -4.64
N GLY A 256 -15.06 -8.48 -3.45
CA GLY A 256 -14.86 -9.91 -3.21
C GLY A 256 -13.51 -10.37 -3.76
N ARG A 257 -12.63 -9.40 -4.04
CA ARG A 257 -11.33 -9.69 -4.64
C ARG A 257 -10.18 -9.52 -3.64
N ALA A 258 -8.99 -9.92 -4.07
CA ALA A 258 -7.79 -9.70 -3.26
C ALA A 258 -6.91 -8.70 -4.00
N ILE A 259 -5.86 -8.25 -3.32
CA ILE A 259 -4.93 -7.30 -3.92
C ILE A 259 -3.54 -7.44 -3.28
N GLN A 260 -2.52 -7.28 -4.11
CA GLN A 260 -1.13 -7.47 -3.71
C GLN A 260 -0.65 -6.18 -3.04
N GLY A 261 -0.29 -6.27 -1.77
CA GLY A 261 0.08 -5.10 -1.00
C GLY A 261 1.48 -4.58 -1.28
N GLY A 262 2.43 -5.51 -1.39
CA GLY A 262 3.82 -5.20 -1.63
C GLY A 262 4.62 -6.46 -1.87
N THR A 263 5.84 -6.31 -2.41
CA THR A 263 6.66 -7.47 -2.75
C THR A 263 8.13 -7.30 -2.34
N SER A 264 8.73 -8.41 -1.95
CA SER A 264 10.15 -8.47 -1.67
C SER A 264 10.74 -9.63 -2.48
N HIS A 265 11.63 -9.31 -3.42
CA HIS A 265 12.18 -10.33 -4.32
C HIS A 265 13.60 -10.73 -3.92
N HIS A 266 13.86 -12.03 -3.86
CA HIS A 266 15.24 -12.49 -3.88
C HIS A 266 15.65 -12.71 -5.33
N LEU A 267 16.73 -12.06 -5.75
CA LEU A 267 17.17 -12.11 -7.14
C LEU A 267 18.31 -13.10 -7.33
N GLY A 268 18.94 -13.50 -6.23
CA GLY A 268 20.12 -14.34 -6.28
C GLY A 268 21.25 -13.69 -7.08
N GLN A 269 21.76 -14.41 -8.07
CA GLN A 269 22.87 -13.92 -8.88
C GLN A 269 22.46 -13.58 -10.31
N ASN A 270 21.18 -13.76 -10.62
CA ASN A 270 20.66 -13.55 -11.97
C ASN A 270 21.05 -12.20 -12.59
N PHE A 271 21.21 -11.19 -11.74
CA PHE A 271 21.58 -9.87 -12.21
C PHE A 271 23.07 -9.55 -12.00
N SER A 272 23.68 -10.11 -10.95
CA SER A 272 25.11 -9.88 -10.73
C SER A 272 25.95 -10.56 -11.80
N LYS A 273 25.41 -11.61 -12.41
CA LYS A 273 26.04 -12.26 -13.55
C LYS A 273 25.81 -11.46 -14.81
N MET A 274 24.56 -11.03 -14.99
CA MET A 274 24.14 -10.23 -16.14
C MET A 274 24.86 -8.88 -16.16
N PHE A 275 25.30 -8.41 -14.99
CA PHE A 275 25.90 -7.08 -14.87
C PHE A 275 27.33 -7.08 -14.35
N GLU A 276 27.89 -8.27 -14.12
CA GLU A 276 29.26 -8.41 -13.62
C GLU A 276 29.48 -7.63 -12.33
N ILE A 277 28.52 -7.75 -11.41
CA ILE A 277 28.70 -7.26 -10.05
C ILE A 277 29.41 -8.38 -9.30
N VAL A 278 30.72 -8.22 -9.13
CA VAL A 278 31.57 -9.33 -8.74
C VAL A 278 32.79 -8.92 -7.91
N PHE A 279 33.09 -9.73 -6.90
CA PHE A 279 34.24 -9.53 -6.02
C PHE A 279 35.01 -10.84 -5.88
N GLU A 280 35.98 -10.87 -4.97
CA GLU A 280 36.71 -12.09 -4.67
C GLU A 280 36.82 -12.26 -3.16
N ASP A 281 36.65 -13.49 -2.67
CA ASP A 281 36.62 -13.75 -1.23
C ASP A 281 37.79 -14.63 -0.79
N PRO A 282 38.70 -14.08 0.04
CA PRO A 282 39.90 -14.74 0.58
C PRO A 282 39.69 -16.14 1.21
N LYS A 283 38.44 -16.57 1.36
CA LYS A 283 38.15 -17.95 1.74
C LYS A 283 38.52 -18.85 0.56
N ILE A 284 38.43 -18.27 -0.64
CA ILE A 284 38.86 -18.87 -1.89
C ILE A 284 39.57 -17.77 -2.67
N PRO A 285 40.92 -17.72 -2.59
CA PRO A 285 41.62 -16.69 -3.36
C PRO A 285 42.43 -17.22 -4.55
N GLY A 286 41.79 -17.51 -5.68
CA GLY A 286 40.34 -17.38 -5.79
C GLY A 286 39.74 -17.34 -7.17
N GLU A 287 38.51 -17.83 -7.26
CA GLU A 287 37.67 -17.64 -8.43
C GLU A 287 36.74 -16.47 -8.12
N LYS A 288 36.09 -15.92 -9.14
CA LYS A 288 35.25 -14.75 -8.89
C LYS A 288 33.83 -15.14 -8.48
N GLN A 289 33.43 -14.66 -7.30
CA GLN A 289 32.11 -14.95 -6.75
C GLN A 289 31.15 -13.80 -7.06
N PHE A 290 29.86 -14.10 -7.13
CA PHE A 290 28.87 -13.10 -7.54
C PHE A 290 27.98 -12.61 -6.40
N ALA A 291 27.47 -11.39 -6.55
CA ALA A 291 26.65 -10.79 -5.50
C ALA A 291 25.25 -11.38 -5.48
N TYR A 292 24.70 -11.53 -4.28
CA TYR A 292 23.30 -11.91 -4.12
C TYR A 292 22.50 -10.61 -3.99
N GLN A 293 21.38 -10.53 -4.70
CA GLN A 293 20.64 -9.28 -4.74
C GLN A 293 19.20 -9.36 -4.31
N ASN A 294 18.65 -8.20 -3.95
CA ASN A 294 17.26 -8.09 -3.54
C ASN A 294 16.56 -6.89 -4.17
N SER A 295 15.24 -6.99 -4.23
CA SER A 295 14.38 -5.98 -4.81
C SER A 295 13.09 -5.96 -4.03
N TRP A 296 12.69 -4.79 -3.56
CA TRP A 296 11.41 -4.67 -2.89
C TRP A 296 10.77 -3.31 -3.12
N GLY A 297 9.46 -3.32 -3.37
CA GLY A 297 8.73 -2.11 -3.65
C GLY A 297 7.36 -2.06 -2.99
N LEU A 298 6.99 -0.87 -2.51
CA LEU A 298 5.63 -0.61 -2.01
C LEU A 298 5.07 0.60 -2.75
N THR A 299 3.78 0.58 -3.07
CA THR A 299 3.18 1.67 -3.84
C THR A 299 2.07 2.43 -3.13
N THR A 300 1.49 3.39 -3.85
CA THR A 300 0.42 4.24 -3.33
C THR A 300 -0.93 3.53 -3.33
N ARG A 301 -0.93 2.27 -3.79
CA ARG A 301 -2.17 1.51 -3.90
C ARG A 301 -2.71 1.23 -2.50
N THR A 302 -1.81 1.24 -1.53
CA THR A 302 -2.14 1.17 -0.10
C THR A 302 -3.36 2.02 0.22
N ILE A 303 -3.34 3.23 -0.31
CA ILE A 303 -4.40 4.21 -0.10
C ILE A 303 -5.74 3.68 -0.63
N GLY A 304 -5.72 3.16 -1.86
CA GLY A 304 -6.90 2.56 -2.47
C GLY A 304 -7.39 1.38 -1.66
N VAL A 305 -6.46 0.63 -1.06
CA VAL A 305 -6.84 -0.51 -0.25
C VAL A 305 -7.52 0.02 1.01
N MET A 306 -6.87 0.98 1.66
CA MET A 306 -7.42 1.63 2.85
C MET A 306 -8.83 2.13 2.61
N THR A 307 -8.99 2.84 1.50
CA THR A 307 -10.26 3.40 1.08
C THR A 307 -11.33 2.33 0.89
N MET A 308 -10.96 1.26 0.19
CA MET A 308 -11.90 0.17 -0.13
C MET A 308 -12.29 -0.67 1.10
N VAL A 309 -11.36 -0.85 2.03
CA VAL A 309 -11.62 -1.67 3.21
C VAL A 309 -12.48 -0.94 4.24
N HIS A 310 -12.02 0.25 4.61
CA HIS A 310 -12.62 0.98 5.72
C HIS A 310 -13.74 1.95 5.33
N GLY A 311 -13.77 2.37 4.05
CA GLY A 311 -14.75 3.33 3.57
C GLY A 311 -16.22 3.12 3.93
N ASP A 312 -16.94 4.24 4.05
CA ASP A 312 -18.33 4.27 4.51
C ASP A 312 -19.28 4.69 3.41
N ASN A 313 -20.58 4.61 3.67
CA ASN A 313 -21.56 5.24 2.78
C ASN A 313 -21.67 6.72 3.11
N MET A 314 -20.97 7.13 4.17
CA MET A 314 -20.83 8.54 4.51
C MET A 314 -19.49 9.06 4.00
N GLY A 315 -18.75 8.17 3.36
CA GLY A 315 -17.53 8.54 2.67
C GLY A 315 -16.27 7.90 3.23
N LEU A 316 -15.15 8.59 3.09
CA LEU A 316 -13.86 8.09 3.56
C LEU A 316 -13.89 7.86 5.09
N VAL A 317 -13.08 6.93 5.55
CA VAL A 317 -12.73 6.85 6.97
C VAL A 317 -11.27 6.45 7.17
N LEU A 318 -10.53 7.31 7.87
CA LEU A 318 -9.08 7.17 8.01
C LEU A 318 -8.73 6.51 9.32
N PRO A 319 -7.73 5.62 9.28
CA PRO A 319 -7.15 5.08 10.52
C PRO A 319 -6.32 6.18 11.16
N PRO A 320 -6.50 6.41 12.48
CA PRO A 320 -5.80 7.47 13.20
C PRO A 320 -4.29 7.48 12.98
N ARG A 321 -3.72 6.30 12.72
CA ARG A 321 -2.28 6.19 12.52
C ARG A 321 -1.76 6.95 11.29
N VAL A 322 -2.63 7.19 10.30
CA VAL A 322 -2.21 7.84 9.05
C VAL A 322 -2.96 9.12 8.70
N ALA A 323 -3.99 9.45 9.49
CA ALA A 323 -4.81 10.64 9.22
C ALA A 323 -4.01 11.93 9.33
N CYS A 324 -4.12 12.79 8.31
CA CYS A 324 -3.48 14.10 8.33
C CYS A 324 -3.98 14.89 9.53
N VAL A 325 -5.26 14.71 9.81
CA VAL A 325 -5.94 15.31 10.95
C VAL A 325 -6.75 14.23 11.64
N GLN A 326 -6.39 13.91 12.88
CA GLN A 326 -7.13 12.88 13.64
C GLN A 326 -8.32 13.47 14.42
N VAL A 327 -8.14 14.70 14.91
CA VAL A 327 -9.19 15.39 15.64
C VAL A 327 -9.52 16.72 14.98
N VAL A 328 -10.80 16.90 14.63
CA VAL A 328 -11.25 18.23 14.17
C VAL A 328 -12.12 18.92 15.21
N ILE A 329 -11.70 20.12 15.60
CA ILE A 329 -12.44 20.92 16.57
C ILE A 329 -13.44 21.81 15.84
N ILE A 330 -14.73 21.63 16.15
CA ILE A 330 -15.78 22.41 15.51
C ILE A 330 -16.73 23.09 16.51
N PRO A 331 -16.68 24.44 16.55
CA PRO A 331 -17.63 25.23 17.34
C PRO A 331 -19.06 24.97 16.90
N CYS A 332 -19.84 24.41 17.81
CA CYS A 332 -21.24 24.10 17.55
C CYS A 332 -22.08 25.01 18.45
N GLY A 333 -23.24 25.45 17.98
CA GLY A 333 -24.11 26.27 18.80
C GLY A 333 -24.31 27.72 18.39
N ILE A 334 -23.45 28.23 17.51
CA ILE A 334 -23.54 29.62 17.04
C ILE A 334 -24.96 30.00 16.59
N THR A 335 -25.52 31.05 17.20
CA THR A 335 -26.79 31.62 16.74
C THR A 335 -26.56 32.98 16.09
N ASN A 336 -27.57 33.47 15.37
CA ASN A 336 -27.55 34.83 14.85
C ASN A 336 -28.18 35.74 15.90
N ALA A 337 -27.99 35.34 17.16
CA ALA A 337 -28.55 36.00 18.32
C ALA A 337 -27.57 35.79 19.45
N LEU A 338 -26.43 35.20 19.11
CA LEU A 338 -25.39 34.89 20.09
C LEU A 338 -24.59 36.14 20.40
N SER A 339 -23.99 36.17 21.59
CA SER A 339 -23.16 37.27 22.00
C SER A 339 -21.95 37.45 21.08
N GLU A 340 -21.13 38.46 21.38
CA GLU A 340 -19.95 38.75 20.58
C GLU A 340 -18.73 38.64 21.49
N GLU A 341 -19.01 38.51 22.79
CA GLU A 341 -17.99 38.22 23.79
C GLU A 341 -17.94 36.73 24.04
N ASP A 342 -19.09 36.06 23.81
CA ASP A 342 -19.16 34.61 23.94
C ASP A 342 -18.54 33.94 22.72
N LYS A 343 -18.72 34.55 21.56
CA LYS A 343 -18.06 34.08 20.34
C LYS A 343 -16.54 34.15 20.47
N GLU A 344 -16.04 35.24 21.07
CA GLU A 344 -14.60 35.36 21.29
C GLU A 344 -14.14 34.38 22.36
N ALA A 345 -15.04 34.01 23.26
CA ALA A 345 -14.73 33.06 24.33
C ALA A 345 -14.76 31.62 23.81
N LEU A 346 -15.82 31.30 23.07
CA LEU A 346 -15.98 29.99 22.46
C LEU A 346 -14.78 29.66 21.55
N ILE A 347 -14.33 30.66 20.78
CA ILE A 347 -13.17 30.49 19.91
C ILE A 347 -11.89 30.24 20.72
N ALA A 348 -11.74 30.96 21.82
CA ALA A 348 -10.61 30.80 22.71
C ALA A 348 -10.57 29.40 23.36
N LYS A 349 -11.73 28.83 23.64
CA LYS A 349 -11.81 27.48 24.22
C LYS A 349 -11.40 26.44 23.17
N CYS A 350 -11.85 26.64 21.93
CA CYS A 350 -11.44 25.78 20.82
C CYS A 350 -9.93 25.77 20.63
N ASN A 351 -9.29 26.93 20.77
CA ASN A 351 -7.84 27.01 20.64
C ASN A 351 -7.12 26.49 21.89
N ASP A 352 -7.83 26.48 23.02
CA ASP A 352 -7.27 25.92 24.25
C ASP A 352 -7.15 24.40 24.13
N TYR A 353 -8.20 23.77 23.60
CA TYR A 353 -8.17 22.35 23.34
C TYR A 353 -7.07 22.04 22.32
N ARG A 354 -7.05 22.81 21.25
CA ARG A 354 -6.08 22.65 20.17
C ARG A 354 -4.63 22.68 20.64
N ARG A 355 -4.27 23.67 21.46
CA ARG A 355 -2.90 23.77 21.95
C ARG A 355 -2.57 22.59 22.86
N ARG A 356 -3.56 22.14 23.62
CA ARG A 356 -3.36 21.01 24.52
C ARG A 356 -3.13 19.69 23.77
N LEU A 357 -3.98 19.42 22.78
CA LEU A 357 -3.88 18.22 21.94
C LEU A 357 -2.56 18.18 21.17
N LEU A 358 -2.14 19.33 20.66
CA LEU A 358 -0.81 19.47 20.07
C LEU A 358 0.31 19.10 21.06
N SER A 359 0.06 19.32 22.35
CA SER A 359 1.06 19.02 23.37
C SER A 359 1.20 17.52 23.64
N VAL A 360 0.29 16.73 23.11
CA VAL A 360 0.37 15.28 23.24
C VAL A 360 0.49 14.61 21.88
N ASN A 361 1.02 15.37 20.93
CA ASN A 361 1.33 14.88 19.58
C ASN A 361 0.13 14.31 18.85
N ILE A 362 -1.05 14.84 19.15
CA ILE A 362 -2.25 14.56 18.37
C ILE A 362 -2.35 15.55 17.21
N ARG A 363 -2.68 15.06 16.02
CA ARG A 363 -2.82 15.94 14.86
C ARG A 363 -4.23 16.56 14.86
N VAL A 364 -4.30 17.87 15.07
CA VAL A 364 -5.56 18.54 15.36
C VAL A 364 -5.80 19.77 14.49
N ARG A 365 -7.04 19.95 14.05
CA ARG A 365 -7.42 21.19 13.37
C ARG A 365 -8.67 21.78 13.99
N ALA A 366 -8.70 23.10 14.12
CA ALA A 366 -9.91 23.79 14.54
C ALA A 366 -10.49 24.54 13.33
N ASP A 367 -11.65 24.10 12.86
CA ASP A 367 -12.31 24.75 11.74
C ASP A 367 -13.05 26.00 12.23
N LEU A 368 -12.31 27.10 12.36
CA LEU A 368 -12.85 28.35 12.89
C LEU A 368 -13.26 29.29 11.74
N ARG A 369 -14.33 28.95 11.04
CA ARG A 369 -14.73 29.69 9.85
C ARG A 369 -16.13 30.26 9.95
N ASP A 370 -16.30 31.49 9.48
CA ASP A 370 -17.59 32.19 9.51
C ASP A 370 -18.52 31.66 8.43
N ASN A 371 -17.92 31.32 7.29
CA ASN A 371 -18.64 31.10 6.04
C ASN A 371 -19.45 29.81 5.93
N TYR A 372 -19.17 28.84 6.78
CA TYR A 372 -19.91 27.57 6.74
C TYR A 372 -20.61 27.26 8.05
N SER A 373 -21.80 26.70 7.94
CA SER A 373 -22.54 26.16 9.09
C SER A 373 -21.68 25.10 9.77
N PRO A 374 -21.87 24.90 11.08
CA PRO A 374 -21.22 23.77 11.74
C PRO A 374 -21.68 22.45 11.12
N GLY A 375 -22.98 22.34 10.84
CA GLY A 375 -23.53 21.14 10.22
C GLY A 375 -22.84 20.80 8.92
N TRP A 376 -22.43 21.85 8.19
CA TRP A 376 -21.68 21.67 6.95
C TRP A 376 -20.29 21.11 7.27
N LYS A 377 -19.62 21.74 8.23
CA LYS A 377 -18.31 21.30 8.67
C LYS A 377 -18.34 19.85 9.14
N PHE A 378 -19.41 19.48 9.84
CA PHE A 378 -19.62 18.10 10.28
C PHE A 378 -19.51 17.16 9.10
N ASN A 379 -20.37 17.38 8.12
CA ASN A 379 -20.42 16.56 6.91
C ASN A 379 -19.12 16.62 6.11
N HIS A 380 -18.53 17.81 6.01
CA HIS A 380 -17.28 18.01 5.28
C HIS A 380 -16.13 17.15 5.81
N TRP A 381 -16.01 17.07 7.14
CA TRP A 381 -14.91 16.30 7.72
C TRP A 381 -15.29 14.85 7.90
N GLU A 382 -16.59 14.57 7.91
CA GLU A 382 -17.09 13.21 8.03
C GLU A 382 -16.78 12.47 6.74
N LEU A 383 -16.96 13.18 5.63
CA LEU A 383 -16.73 12.60 4.32
C LEU A 383 -15.23 12.49 4.03
N LYS A 384 -14.43 13.29 4.72
CA LYS A 384 -12.98 13.17 4.60
C LYS A 384 -12.44 12.18 5.63
N GLY A 385 -13.36 11.59 6.41
CA GLY A 385 -13.01 10.54 7.37
C GLY A 385 -12.05 10.90 8.50
N VAL A 386 -12.22 12.08 9.09
CA VAL A 386 -11.46 12.45 10.28
C VAL A 386 -11.99 11.60 11.44
N PRO A 387 -11.08 10.91 12.13
CA PRO A 387 -11.43 9.92 13.17
C PRO A 387 -12.34 10.48 14.25
N ILE A 388 -11.94 11.60 14.85
CA ILE A 388 -12.70 12.22 15.93
C ILE A 388 -13.16 13.63 15.57
N ARG A 389 -14.45 13.87 15.74
CA ARG A 389 -14.99 15.22 15.68
C ARG A 389 -15.11 15.71 17.12
N LEU A 390 -14.53 16.87 17.40
CA LEU A 390 -14.57 17.45 18.74
C LEU A 390 -15.51 18.67 18.72
N GLU A 391 -16.72 18.47 19.21
CA GLU A 391 -17.73 19.53 19.23
C GLU A 391 -17.62 20.39 20.50
N VAL A 392 -17.47 21.70 20.30
CA VAL A 392 -17.40 22.64 21.40
C VAL A 392 -18.59 23.61 21.36
N GLY A 393 -19.52 23.44 22.29
CA GLY A 393 -20.68 24.31 22.38
C GLY A 393 -20.81 25.01 23.72
N PRO A 394 -21.52 26.16 23.75
CA PRO A 394 -21.57 27.01 24.94
C PRO A 394 -22.24 26.32 26.12
N ARG A 395 -23.30 25.56 25.86
CA ARG A 395 -23.96 24.80 26.92
C ARG A 395 -22.98 23.83 27.58
N ASP A 396 -22.23 23.09 26.77
CA ASP A 396 -21.20 22.18 27.28
C ASP A 396 -20.05 22.95 27.92
N MET A 397 -19.70 24.08 27.29
CA MET A 397 -18.63 24.94 27.77
C MET A 397 -18.97 25.53 29.15
N LYS A 398 -20.27 25.71 29.42
CA LYS A 398 -20.73 26.14 30.74
C LYS A 398 -20.42 25.08 31.77
N SER A 399 -20.65 23.83 31.35
CA SER A 399 -20.49 22.68 32.24
C SER A 399 -19.03 22.24 32.26
N CYS A 400 -18.17 23.08 31.68
CA CYS A 400 -16.73 22.85 31.66
C CYS A 400 -16.42 21.47 31.03
N GLN A 401 -17.03 21.19 29.87
CA GLN A 401 -16.94 19.89 29.17
C GLN A 401 -17.04 20.01 27.62
N PHE A 402 -16.92 18.87 26.92
CA PHE A 402 -17.10 18.85 25.45
C PHE A 402 -17.60 17.50 24.90
N VAL A 403 -17.81 17.44 23.59
CA VAL A 403 -18.30 16.22 22.94
C VAL A 403 -17.34 15.71 21.87
N ALA A 404 -16.95 14.43 22.01
CA ALA A 404 -16.11 13.76 21.02
C ALA A 404 -16.96 12.77 20.20
N VAL A 405 -16.90 12.88 18.88
CA VAL A 405 -17.64 11.95 18.02
C VAL A 405 -16.73 11.05 17.19
N ARG A 406 -16.98 9.74 17.26
CA ARG A 406 -16.21 8.73 16.53
C ARG A 406 -16.61 8.64 15.05
N ARG A 407 -15.64 8.69 14.14
CA ARG A 407 -15.96 8.54 12.72
C ARG A 407 -16.45 7.13 12.37
N ASP A 408 -15.83 6.10 12.96
CA ASP A 408 -16.19 4.72 12.66
C ASP A 408 -17.60 4.28 13.12
N THR A 409 -17.82 4.23 14.43
CA THR A 409 -19.13 3.85 14.96
C THR A 409 -20.15 4.99 14.93
N GLY A 410 -19.67 6.24 14.94
CA GLY A 410 -20.56 7.39 14.98
C GLY A 410 -21.00 7.68 16.41
N GLU A 411 -20.23 7.17 17.36
CA GLU A 411 -20.58 7.27 18.78
C GLU A 411 -20.10 8.59 19.38
N LYS A 412 -21.00 9.28 20.07
CA LYS A 412 -20.65 10.53 20.75
C LYS A 412 -20.46 10.31 22.26
N LEU A 413 -19.31 10.71 22.78
CA LEU A 413 -19.07 10.63 24.22
C LEU A 413 -18.81 12.01 24.82
N THR A 414 -19.54 12.34 25.87
CA THR A 414 -19.33 13.60 26.55
C THR A 414 -18.04 13.49 27.38
N VAL A 415 -17.12 14.44 27.17
CA VAL A 415 -15.80 14.35 27.79
C VAL A 415 -15.46 15.60 28.61
N ALA A 416 -15.03 15.39 29.86
CA ALA A 416 -14.57 16.48 30.72
C ALA A 416 -13.36 17.18 30.11
N GLU A 417 -13.35 18.51 30.20
CA GLU A 417 -12.26 19.32 29.68
C GLU A 417 -10.91 18.88 30.24
N ASN A 418 -10.91 18.47 31.50
CA ASN A 418 -9.67 18.09 32.18
C ASN A 418 -9.06 16.81 31.61
N GLU A 419 -9.92 15.91 31.14
CA GLU A 419 -9.47 14.63 30.57
C GLU A 419 -9.42 14.66 29.05
N ALA A 420 -9.03 15.79 28.47
CA ALA A 420 -8.99 15.91 27.02
C ALA A 420 -7.85 15.09 26.41
N GLU A 421 -6.64 15.31 26.92
CA GLU A 421 -5.45 14.64 26.38
C GLU A 421 -5.56 13.12 26.51
N THR A 422 -5.91 12.64 27.70
CA THR A 422 -5.99 11.19 27.89
C THR A 422 -7.17 10.55 27.15
N LYS A 423 -8.37 11.09 27.31
CA LYS A 423 -9.56 10.44 26.77
C LYS A 423 -9.59 10.41 25.25
N LEU A 424 -9.04 11.44 24.62
CA LEU A 424 -9.01 11.50 23.17
C LEU A 424 -7.97 10.55 22.59
N GLN A 425 -6.79 10.52 23.20
CA GLN A 425 -5.74 9.60 22.77
C GLN A 425 -6.22 8.15 22.93
N ALA A 426 -7.06 7.92 23.93
CA ALA A 426 -7.61 6.59 24.15
C ALA A 426 -8.65 6.20 23.10
N ILE A 427 -9.42 7.17 22.62
CA ILE A 427 -10.42 6.90 21.59
C ILE A 427 -9.75 6.66 20.22
N LEU A 428 -8.67 7.38 19.95
CA LEU A 428 -7.92 7.20 18.71
C LEU A 428 -7.37 5.78 18.61
N GLU A 429 -6.65 5.35 19.65
CA GLU A 429 -6.13 4.00 19.72
C GLU A 429 -7.25 2.97 19.57
N ASP A 430 -8.38 3.25 20.20
CA ASP A 430 -9.49 2.32 20.17
C ASP A 430 -10.14 2.29 18.79
N ILE A 431 -10.04 3.40 18.05
CA ILE A 431 -10.54 3.46 16.68
C ILE A 431 -9.64 2.62 15.77
N GLN A 432 -8.33 2.78 15.91
CA GLN A 432 -7.38 2.01 15.12
C GLN A 432 -7.62 0.50 15.34
N VAL A 433 -7.75 0.11 16.61
CA VAL A 433 -8.02 -1.29 16.96
C VAL A 433 -9.34 -1.80 16.37
N THR A 434 -10.37 -0.97 16.42
CA THR A 434 -11.70 -1.36 15.93
C THR A 434 -11.69 -1.59 14.42
N LEU A 435 -11.03 -0.70 13.70
CA LEU A 435 -10.93 -0.81 12.25
C LEU A 435 -10.22 -2.11 11.86
N PHE A 436 -9.13 -2.40 12.57
CA PHE A 436 -8.32 -3.57 12.26
C PHE A 436 -9.05 -4.86 12.61
N THR A 437 -9.63 -4.88 13.80
CA THR A 437 -10.43 -6.00 14.27
C THR A 437 -11.52 -6.37 13.27
N ARG A 438 -12.29 -5.37 12.83
CA ARG A 438 -13.37 -5.58 11.88
C ARG A 438 -12.86 -6.14 10.56
N ALA A 439 -11.75 -5.61 10.08
CA ALA A 439 -11.20 -6.06 8.81
C ALA A 439 -10.57 -7.45 8.95
N SER A 440 -10.04 -7.73 10.13
CA SER A 440 -9.53 -9.05 10.44
C SER A 440 -10.65 -10.09 10.51
N GLU A 441 -11.84 -9.65 10.90
CA GLU A 441 -12.99 -10.55 10.98
C GLU A 441 -13.59 -10.80 9.61
N ASP A 442 -13.22 -9.97 8.63
CA ASP A 442 -13.66 -10.18 7.26
C ASP A 442 -12.72 -11.12 6.52
N LEU A 443 -11.44 -11.04 6.85
CA LEU A 443 -10.45 -11.95 6.28
C LEU A 443 -10.75 -13.39 6.69
N LYS A 444 -10.82 -13.66 7.99
CA LYS A 444 -11.10 -15.01 8.48
C LYS A 444 -12.44 -15.57 7.99
N THR A 445 -13.39 -14.68 7.76
CA THR A 445 -14.71 -15.09 7.28
C THR A 445 -14.73 -15.38 5.78
N HIS A 446 -13.93 -14.63 5.01
CA HIS A 446 -13.90 -14.77 3.56
C HIS A 446 -12.64 -15.47 3.02
N MET A 447 -11.86 -16.09 3.90
CA MET A 447 -10.72 -16.88 3.47
C MET A 447 -10.85 -18.26 4.06
N VAL A 448 -11.35 -19.18 3.24
CA VAL A 448 -11.66 -20.53 3.71
C VAL A 448 -10.89 -21.58 2.92
N VAL A 449 -11.02 -22.84 3.32
CA VAL A 449 -10.31 -23.93 2.66
C VAL A 449 -11.24 -24.74 1.73
N ALA A 450 -10.75 -25.05 0.54
CA ALA A 450 -11.45 -25.95 -0.39
C ALA A 450 -10.53 -27.07 -0.81
N ASN A 451 -11.03 -28.30 -0.74
CA ASN A 451 -10.21 -29.47 -1.02
C ASN A 451 -10.50 -30.13 -2.38
N THR A 452 -11.64 -29.77 -2.97
CA THR A 452 -11.97 -30.19 -4.34
C THR A 452 -12.00 -28.99 -5.27
N MET A 453 -12.45 -29.21 -6.50
CA MET A 453 -12.57 -28.14 -7.48
C MET A 453 -14.00 -27.63 -7.47
N GLU A 454 -14.94 -28.47 -7.07
CA GLU A 454 -16.34 -28.07 -7.08
C GLU A 454 -16.74 -27.32 -5.81
N ASP A 455 -15.99 -27.52 -4.73
CA ASP A 455 -16.12 -26.67 -3.55
C ASP A 455 -15.50 -25.34 -3.92
N PHE A 456 -14.28 -25.41 -4.44
CA PHE A 456 -13.51 -24.24 -4.86
C PHE A 456 -14.35 -23.27 -5.70
N GLN A 457 -15.03 -23.76 -6.72
CA GLN A 457 -15.84 -22.89 -7.56
C GLN A 457 -17.05 -22.33 -6.81
N LYS A 458 -17.68 -23.17 -6.01
CA LYS A 458 -18.83 -22.78 -5.18
C LYS A 458 -18.45 -21.65 -4.21
N ILE A 459 -17.33 -21.83 -3.52
CA ILE A 459 -16.80 -20.84 -2.58
C ILE A 459 -16.36 -19.54 -3.26
N LEU A 460 -15.63 -19.66 -4.37
CA LEU A 460 -15.10 -18.50 -5.08
C LEU A 460 -16.20 -17.58 -5.59
N ASP A 461 -17.32 -18.18 -6.00
CA ASP A 461 -18.43 -17.41 -6.56
C ASP A 461 -19.31 -16.82 -5.46
N SER A 462 -19.12 -17.28 -4.23
CA SER A 462 -19.78 -16.67 -3.09
C SER A 462 -19.12 -15.31 -2.80
N GLY A 463 -17.90 -15.14 -3.29
CA GLY A 463 -17.21 -13.87 -3.17
C GLY A 463 -16.02 -13.92 -2.22
N LYS A 464 -15.46 -15.11 -2.04
CA LYS A 464 -14.35 -15.29 -1.12
C LYS A 464 -13.03 -15.58 -1.84
N ILE A 465 -11.94 -15.58 -1.09
CA ILE A 465 -10.67 -16.10 -1.58
C ILE A 465 -10.51 -17.49 -0.99
N VAL A 466 -9.79 -18.37 -1.69
CA VAL A 466 -9.70 -19.76 -1.25
C VAL A 466 -8.27 -20.31 -1.20
N GLN A 467 -8.02 -21.14 -0.19
CA GLN A 467 -6.77 -21.90 -0.09
C GLN A 467 -7.03 -23.34 -0.54
N ILE A 468 -6.33 -23.75 -1.59
CA ILE A 468 -6.57 -25.07 -2.16
C ILE A 468 -5.28 -25.87 -2.26
N PRO A 469 -5.39 -27.22 -2.29
CA PRO A 469 -4.26 -28.09 -2.61
C PRO A 469 -3.87 -27.83 -4.06
N PHE A 470 -2.57 -27.67 -4.33
CA PHE A 470 -2.13 -27.22 -5.65
C PHE A 470 -0.83 -27.89 -6.07
N CYS A 471 -0.79 -28.39 -7.31
CA CYS A 471 0.40 -29.06 -7.84
C CYS A 471 1.58 -28.10 -8.00
N GLY A 472 1.26 -26.82 -8.21
CA GLY A 472 2.29 -25.80 -8.25
C GLY A 472 2.76 -25.55 -9.68
N GLU A 473 1.97 -26.02 -10.63
CA GLU A 473 2.37 -26.02 -12.02
C GLU A 473 1.68 -24.95 -12.87
N ILE A 474 2.51 -24.19 -13.60
CA ILE A 474 2.07 -23.05 -14.39
C ILE A 474 0.88 -23.36 -15.29
N ASP A 475 0.97 -24.45 -16.03
CA ASP A 475 -0.11 -24.87 -16.94
C ASP A 475 -1.40 -25.13 -16.18
N CYS A 476 -1.28 -25.69 -14.97
CA CYS A 476 -2.45 -25.93 -14.15
C CYS A 476 -3.03 -24.61 -13.64
N GLU A 477 -2.13 -23.68 -13.31
CA GLU A 477 -2.54 -22.32 -12.92
C GLU A 477 -3.32 -21.69 -14.06
N ASP A 478 -2.75 -21.77 -15.26
CA ASP A 478 -3.39 -21.25 -16.47
C ASP A 478 -4.74 -21.91 -16.64
N TRP A 479 -4.81 -23.20 -16.34
CA TRP A 479 -6.06 -23.93 -16.44
C TRP A 479 -7.09 -23.37 -15.48
N ILE A 480 -6.74 -23.31 -14.20
CA ILE A 480 -7.65 -22.84 -13.16
C ILE A 480 -8.25 -21.47 -13.51
N LYS A 481 -7.42 -20.55 -13.99
CA LYS A 481 -7.88 -19.23 -14.41
C LYS A 481 -8.97 -19.35 -15.47
N LYS A 482 -8.72 -20.15 -16.49
CA LYS A 482 -9.66 -20.35 -17.60
C LYS A 482 -10.98 -20.98 -17.13
N THR A 483 -10.92 -22.11 -16.45
CA THR A 483 -12.14 -22.80 -16.02
C THR A 483 -12.95 -22.01 -14.98
N THR A 484 -12.28 -21.43 -13.99
CA THR A 484 -13.00 -20.67 -12.95
C THR A 484 -13.76 -19.47 -13.48
N ALA A 485 -13.21 -18.82 -14.51
CA ALA A 485 -13.83 -17.64 -15.13
C ALA A 485 -15.29 -17.87 -15.53
N ARG A 486 -15.50 -18.53 -16.67
CA ARG A 486 -16.85 -18.83 -17.13
C ARG A 486 -17.42 -20.06 -16.44
N ASP A 487 -17.68 -19.94 -15.14
CA ASP A 487 -18.31 -21.02 -14.38
C ASP A 487 -18.86 -20.50 -13.05
N MET A 497 -14.37 -12.53 -13.72
CA MET A 497 -13.39 -13.30 -14.48
C MET A 497 -12.71 -14.40 -13.65
N GLY A 498 -11.48 -14.74 -14.02
CA GLY A 498 -10.83 -15.93 -13.48
C GLY A 498 -10.11 -15.78 -12.16
N ALA A 499 -10.06 -16.88 -11.39
CA ALA A 499 -9.31 -16.92 -10.15
C ALA A 499 -7.81 -17.00 -10.43
N LYS A 500 -7.04 -16.17 -9.73
CA LYS A 500 -5.59 -16.11 -9.91
C LYS A 500 -4.87 -16.60 -8.66
N SER A 501 -3.64 -17.07 -8.80
CA SER A 501 -2.84 -17.40 -7.63
C SER A 501 -2.42 -16.11 -6.92
N LEU A 502 -2.58 -16.08 -5.61
CA LEU A 502 -2.22 -14.91 -4.82
C LEU A 502 -0.84 -15.14 -4.16
N CYS A 503 -0.78 -16.09 -3.23
CA CYS A 503 0.49 -16.50 -2.67
C CYS A 503 0.37 -17.92 -2.14
N ILE A 504 1.52 -18.54 -1.91
CA ILE A 504 1.60 -19.79 -1.16
C ILE A 504 1.90 -19.37 0.28
N PRO A 505 0.86 -19.28 1.11
CA PRO A 505 0.90 -18.74 2.48
C PRO A 505 1.99 -19.38 3.35
N PHE A 506 2.75 -18.58 4.10
CA PHE A 506 3.73 -19.13 5.01
C PHE A 506 3.04 -19.97 6.07
N LYS A 507 1.81 -19.59 6.41
CA LYS A 507 1.05 -20.31 7.42
C LYS A 507 -0.37 -20.63 6.95
N PRO A 508 -0.52 -21.78 6.27
CA PRO A 508 -1.82 -22.22 5.73
C PRO A 508 -2.82 -22.56 6.84
N LEU A 509 -4.11 -22.44 6.55
CA LEU A 509 -5.14 -22.77 7.54
C LEU A 509 -5.08 -24.23 7.98
N CYS A 510 -4.85 -25.14 7.04
CA CYS A 510 -4.83 -26.58 7.33
C CYS A 510 -3.53 -27.21 6.86
N GLU A 511 -3.23 -28.39 7.41
CA GLU A 511 -2.10 -29.17 6.94
C GLU A 511 -2.48 -30.03 5.73
N LEU A 512 -1.59 -30.08 4.76
CA LEU A 512 -1.82 -30.83 3.52
C LEU A 512 -1.56 -32.32 3.75
N GLN A 513 -2.63 -33.11 3.73
CA GLN A 513 -2.51 -34.56 3.96
C GLN A 513 -1.77 -35.26 2.83
N PRO A 514 -0.84 -36.18 3.19
CA PRO A 514 -0.16 -36.99 2.17
C PRO A 514 -1.17 -37.72 1.29
N GLY A 515 -0.97 -37.68 -0.02
CA GLY A 515 -1.91 -38.28 -0.94
C GLY A 515 -3.05 -37.36 -1.37
N ALA A 516 -3.11 -36.17 -0.79
CA ALA A 516 -4.09 -35.19 -1.23
C ALA A 516 -3.73 -34.76 -2.65
N LYS A 517 -4.73 -34.68 -3.51
CA LYS A 517 -4.51 -34.30 -4.90
C LYS A 517 -4.76 -32.82 -5.13
N CYS A 518 -4.08 -32.28 -6.12
CA CYS A 518 -4.35 -30.93 -6.60
C CYS A 518 -5.78 -30.86 -7.15
N VAL A 519 -6.32 -29.65 -7.29
CA VAL A 519 -7.67 -29.50 -7.79
C VAL A 519 -7.81 -30.00 -9.22
N CYS A 520 -6.70 -30.01 -9.95
CA CYS A 520 -6.72 -30.55 -11.31
C CYS A 520 -7.06 -32.04 -11.28
N GLY A 521 -6.45 -32.78 -10.35
CA GLY A 521 -6.72 -34.19 -10.20
C GLY A 521 -5.70 -35.06 -10.91
N LYS A 522 -4.87 -34.44 -11.74
CA LYS A 522 -3.90 -35.14 -12.54
C LYS A 522 -2.54 -35.21 -11.85
N ASN A 523 -2.42 -34.52 -10.72
CA ASN A 523 -1.15 -34.39 -10.01
C ASN A 523 -1.32 -34.38 -8.49
N PRO A 524 -0.25 -34.76 -7.75
CA PRO A 524 -0.31 -34.65 -6.28
C PRO A 524 -0.17 -33.17 -5.91
N ALA A 525 -0.75 -32.76 -4.79
CA ALA A 525 -0.66 -31.35 -4.39
C ALA A 525 0.61 -31.08 -3.59
N LYS A 526 1.44 -30.14 -4.06
CA LYS A 526 2.68 -29.79 -3.35
C LYS A 526 2.40 -28.97 -2.09
N TYR A 527 1.59 -27.94 -2.23
CA TYR A 527 1.31 -27.01 -1.13
C TYR A 527 -0.07 -26.38 -1.24
N TYR A 528 -0.64 -26.08 -0.07
CA TYR A 528 -1.85 -25.28 -0.02
C TYR A 528 -1.56 -23.91 -0.61
N THR A 529 -2.41 -23.47 -1.53
CA THR A 529 -2.18 -22.22 -2.24
C THR A 529 -3.44 -21.36 -2.24
N LEU A 530 -3.25 -20.07 -1.97
CA LEU A 530 -4.34 -19.13 -1.89
C LEU A 530 -4.73 -18.60 -3.26
N PHE A 531 -6.00 -18.78 -3.62
CA PHE A 531 -6.51 -18.36 -4.92
C PHE A 531 -7.70 -17.43 -4.79
N GLY A 532 -7.85 -16.53 -5.75
CA GLY A 532 -9.03 -15.69 -5.83
C GLY A 532 -8.98 -14.78 -7.04
N ARG A 533 -10.12 -14.22 -7.41
CA ARG A 533 -10.15 -13.18 -8.42
C ARG A 533 -9.48 -11.98 -7.77
N SER A 534 -8.57 -11.32 -8.49
CA SER A 534 -7.77 -10.24 -7.91
C SER A 534 -7.92 -8.93 -8.69
N TYR A 535 -7.15 -7.92 -8.29
CA TYR A 535 -7.15 -6.63 -8.97
C TYR A 535 -5.97 -6.51 -9.94
ZN ZN B . -3.00 -29.26 -10.73
#